data_5DTU
#
_entry.id   5DTU
#
_cell.length_a   161.500
_cell.length_b   50.400
_cell.length_c   65.800
_cell.angle_alpha   90.00
_cell.angle_beta   101.40
_cell.angle_gamma   90.00
#
_symmetry.space_group_name_H-M   'C 1 2 1'
#
loop_
_entity.id
_entity.type
_entity.pdbx_description
1 polymer Prp28
2 non-polymer "ADENOSINE-5'-DIPHOSPHATE"
3 non-polymer 'MAGNESIUM ION'
#
_entity_poly.entity_id   1
_entity_poly.type   'polypeptide(L)'
_entity_poly.pdbx_seq_one_letter_code
;GPMLGKHWSEKKLEEMKERDWRIFKENFGISTKGGSIPNPMRNWEESGLPRRLLDIVYRVGYDEPTPIQRAAIPIALQAR
DLIGVAVTGSGKTAAFLLPLLVYISELPPLTEYNKNDGPYALILAPTRELVQQIESEARKFADPLGFTVVSIVGGHSLEE
QAFALRNGAEIIVATPGRLVDCIERRLLVFSQCCYVIMDEADRMIDQGFEEPLTKILDALPVSNEKPDTEDAENPQLMSR
YLGGRDRYRQTMMYTATMPPTVEKIAKKYLRRPAIVTIGNAGEAVDTVEQRVEFIAGEDKRKRRLQEILNSGQFKPPIIV
FVNIKRNCEMVAKDIKSWGFSTVTLHGSKTQEQREASLAALRNGQAHILVATDLAGRGIDVPDVSLVVNFNMPSTIEAYT
HRIGRTGRAGKSGVAITFLGNEDADVMYDLKQIISKSSISKVPEELRRHEAAQSKPNRVKKIEDSSGFAGKGGWQ
;
_entity_poly.pdbx_strand_id   A
#
# COMPACT_ATOMS: atom_id res chain seq x y z
N HIS A 7 -4.76 -14.93 27.46
CA HIS A 7 -4.18 -16.19 27.03
C HIS A 7 -3.76 -16.13 25.56
N TRP A 8 -2.70 -15.37 25.28
CA TRP A 8 -2.23 -15.24 23.90
C TRP A 8 -0.70 -15.23 23.79
N SER A 9 -0.21 -15.61 22.62
CA SER A 9 1.22 -15.62 22.34
C SER A 9 1.50 -14.50 21.35
N GLU A 10 2.45 -13.62 21.71
CA GLU A 10 2.78 -12.47 20.87
C GLU A 10 3.76 -12.74 19.74
N LYS A 11 3.19 -13.26 18.66
CA LYS A 11 3.92 -13.59 17.46
C LYS A 11 5.04 -14.62 17.63
N LYS A 12 4.76 -15.63 18.42
CA LYS A 12 5.69 -16.74 18.63
C LYS A 12 4.76 -17.93 18.51
N LEU A 13 4.09 -17.99 17.35
CA LEU A 13 3.12 -19.03 17.05
C LEU A 13 3.40 -19.66 15.69
N GLU A 14 2.90 -20.88 15.52
CA GLU A 14 3.08 -21.62 14.28
C GLU A 14 1.91 -21.50 13.27
N GLU A 15 0.68 -21.53 13.75
CA GLU A 15 -0.44 -21.44 12.81
C GLU A 15 -0.92 -20.01 12.62
N MET A 16 -0.92 -19.26 13.72
CA MET A 16 -1.33 -17.86 13.70
C MET A 16 -2.84 -17.77 13.68
N LYS A 17 -3.34 -16.54 13.70
CA LYS A 17 -4.77 -16.27 13.65
C LYS A 17 -4.96 -14.99 12.86
N GLU A 18 -6.12 -14.82 12.24
CA GLU A 18 -6.33 -13.62 11.45
C GLU A 18 -6.07 -12.36 12.29
N ARG A 19 -6.48 -12.41 13.56
CA ARG A 19 -6.22 -11.30 14.47
C ARG A 19 -4.72 -11.09 14.62
N ASP A 20 -4.00 -12.19 14.78
CA ASP A 20 -2.55 -12.15 14.93
C ASP A 20 -1.88 -11.58 13.68
N TRP A 21 -2.40 -11.94 12.50
CA TRP A 21 -1.90 -11.40 11.24
C TRP A 21 -2.10 -9.89 11.19
N ARG A 22 -3.24 -9.43 11.70
CA ARG A 22 -3.55 -8.02 11.72
C ARG A 22 -2.60 -7.27 12.65
N ILE A 23 -2.28 -7.88 13.78
CA ILE A 23 -1.29 -7.30 14.70
C ILE A 23 0.05 -7.17 14.00
N PHE A 24 0.42 -8.22 13.29
CA PHE A 24 1.64 -8.30 12.49
C PHE A 24 1.79 -7.09 11.57
N LYS A 25 0.80 -6.90 10.71
CA LYS A 25 0.78 -5.78 9.78
C LYS A 25 0.89 -4.45 10.51
N GLU A 26 0.04 -4.26 11.51
CA GLU A 26 0.02 -3.02 12.28
C GLU A 26 1.38 -2.72 12.92
N ASN A 27 2.10 -3.76 13.30
CA ASN A 27 3.43 -3.55 13.87
C ASN A 27 4.41 -3.01 12.86
N PHE A 28 4.43 -3.64 11.69
CA PHE A 28 5.35 -3.25 10.63
C PHE A 28 4.72 -2.16 9.76
N GLY A 29 3.47 -1.83 10.08
CA GLY A 29 2.78 -0.70 9.47
C GLY A 29 2.28 -0.94 8.05
N ILE A 30 2.41 -2.17 7.58
CA ILE A 30 2.05 -2.47 6.19
C ILE A 30 0.55 -2.71 6.01
N SER A 31 0.04 -2.27 4.87
CA SER A 31 -1.38 -2.42 4.53
C SER A 31 -1.53 -2.99 3.12
N THR A 32 -2.67 -3.62 2.85
CA THR A 32 -2.93 -4.21 1.54
C THR A 32 -4.38 -4.06 1.10
N LYS A 33 -4.59 -3.79 -0.19
CA LYS A 33 -5.94 -3.78 -0.76
C LYS A 33 -6.26 -5.15 -1.35
N GLY A 34 -7.37 -5.73 -0.90
CA GLY A 34 -7.73 -7.10 -1.19
C GLY A 34 -7.75 -7.53 -2.65
N GLY A 35 -7.00 -8.59 -2.93
CA GLY A 35 -7.02 -9.25 -4.21
C GLY A 35 -6.74 -10.72 -3.99
N SER A 36 -7.47 -11.33 -3.06
CA SER A 36 -7.23 -12.71 -2.66
C SER A 36 -5.78 -12.89 -2.23
N ILE A 37 -5.31 -11.93 -1.43
CA ILE A 37 -3.89 -11.79 -1.10
C ILE A 37 -3.36 -12.83 -0.11
N PRO A 38 -2.17 -13.36 -0.39
CA PRO A 38 -1.42 -14.24 0.53
C PRO A 38 -0.90 -13.49 1.75
N ASN A 39 -0.80 -14.20 2.87
CA ASN A 39 -0.25 -13.65 4.10
C ASN A 39 1.25 -13.36 3.99
N PRO A 40 1.71 -12.25 4.58
CA PRO A 40 3.10 -11.78 4.46
C PRO A 40 4.13 -12.64 5.18
N MET A 41 5.40 -12.47 4.81
CA MET A 41 6.49 -13.21 5.41
C MET A 41 6.82 -12.74 6.83
N ARG A 42 7.13 -13.69 7.70
CA ARG A 42 7.69 -13.38 9.01
C ARG A 42 9.19 -13.48 8.95
N ASN A 43 9.66 -14.46 8.18
CA ASN A 43 11.08 -14.75 8.10
C ASN A 43 11.42 -15.35 6.75
N TRP A 44 12.69 -15.25 6.37
CA TRP A 44 13.15 -15.72 5.07
C TRP A 44 13.00 -17.24 4.89
N GLU A 45 13.17 -17.99 5.97
CA GLU A 45 13.33 -19.45 5.90
C GLU A 45 12.20 -20.17 5.15
N GLU A 46 11.01 -19.60 5.15
CA GLU A 46 9.99 -20.04 4.21
C GLU A 46 9.49 -18.81 3.44
N SER A 47 10.37 -18.30 2.59
CA SER A 47 10.06 -17.16 1.74
C SER A 47 9.31 -17.64 0.50
N GLY A 48 9.50 -18.90 0.16
CA GLY A 48 8.99 -19.44 -1.09
C GLY A 48 10.12 -19.44 -2.09
N LEU A 49 11.25 -18.88 -1.68
CA LEU A 49 12.44 -18.81 -2.51
C LEU A 49 13.34 -20.01 -2.20
N PRO A 50 14.13 -20.47 -3.19
CA PRO A 50 15.07 -21.58 -3.01
C PRO A 50 16.26 -21.20 -2.13
N ARG A 51 16.80 -22.19 -1.41
CA ARG A 51 17.86 -21.94 -0.43
C ARG A 51 19.13 -21.34 -1.04
N ARG A 52 19.36 -21.61 -2.32
CA ARG A 52 20.55 -21.08 -2.99
C ARG A 52 20.48 -19.56 -3.09
N LEU A 53 19.26 -19.02 -3.00
CA LEU A 53 19.07 -17.58 -3.04
C LEU A 53 18.98 -17.02 -1.63
N LEU A 54 18.46 -17.84 -0.71
CA LEU A 54 18.34 -17.44 0.69
C LEU A 54 19.69 -17.25 1.38
N ASP A 55 20.60 -18.19 1.16
CA ASP A 55 21.91 -18.10 1.80
C ASP A 55 22.71 -16.94 1.18
N ILE A 56 22.28 -16.47 0.02
CA ILE A 56 22.84 -15.24 -0.54
C ILE A 56 22.25 -14.04 0.18
N VAL A 57 20.95 -14.09 0.45
CA VAL A 57 20.28 -13.05 1.23
C VAL A 57 20.96 -12.89 2.58
N TYR A 58 21.36 -14.02 3.17
CA TYR A 58 22.11 -14.02 4.41
C TYR A 58 23.53 -13.51 4.22
N ARG A 59 24.15 -13.91 3.11
CA ARG A 59 25.54 -13.58 2.85
C ARG A 59 25.78 -12.08 2.73
N VAL A 60 24.81 -11.38 2.15
CA VAL A 60 24.92 -9.94 1.96
C VAL A 60 24.68 -9.21 3.29
N GLY A 61 24.08 -9.90 4.24
CA GLY A 61 23.85 -9.34 5.57
C GLY A 61 22.43 -8.87 5.75
N TYR A 62 21.53 -9.38 4.91
CA TYR A 62 20.12 -9.03 4.96
C TYR A 62 19.38 -9.97 5.90
N ASP A 63 19.82 -10.02 7.15
CA ASP A 63 19.25 -10.92 8.16
C ASP A 63 17.75 -10.71 8.34
N GLU A 64 17.32 -9.46 8.25
CA GLU A 64 15.93 -9.11 8.51
C GLU A 64 15.26 -8.52 7.26
N PRO A 65 14.08 -9.06 6.92
CA PRO A 65 13.27 -8.53 5.82
C PRO A 65 12.70 -7.15 6.12
N THR A 66 12.85 -6.23 5.19
CA THR A 66 12.19 -4.94 5.30
C THR A 66 10.69 -5.16 5.02
N PRO A 67 9.83 -4.32 5.59
CA PRO A 67 8.37 -4.51 5.49
C PRO A 67 7.89 -4.67 4.06
N ILE A 68 8.47 -3.93 3.13
CA ILE A 68 8.05 -4.01 1.74
C ILE A 68 8.48 -5.34 1.13
N GLN A 69 9.62 -5.88 1.57
CA GLN A 69 10.09 -7.17 1.10
C GLN A 69 9.14 -8.27 1.54
N ARG A 70 8.83 -8.30 2.82
CA ARG A 70 8.01 -9.37 3.38
C ARG A 70 6.56 -9.30 2.92
N ALA A 71 6.13 -8.11 2.51
CA ALA A 71 4.76 -7.92 2.05
C ALA A 71 4.60 -8.16 0.55
N ALA A 72 5.58 -7.72 -0.23
CA ALA A 72 5.47 -7.76 -1.69
C ALA A 72 5.88 -9.11 -2.28
N ILE A 73 6.93 -9.71 -1.75
CA ILE A 73 7.46 -10.96 -2.29
C ILE A 73 6.46 -12.14 -2.33
N PRO A 74 5.77 -12.44 -1.22
CA PRO A 74 4.91 -13.64 -1.25
C PRO A 74 3.75 -13.53 -2.24
N ILE A 75 3.30 -12.31 -2.49
CA ILE A 75 2.18 -12.11 -3.40
C ILE A 75 2.68 -11.92 -4.83
N ALA A 76 4.00 -11.82 -4.97
CA ALA A 76 4.63 -11.70 -6.27
C ALA A 76 5.00 -13.08 -6.80
N LEU A 77 5.25 -14.00 -5.88
CA LEU A 77 5.58 -15.38 -6.24
C LEU A 77 4.41 -16.06 -6.94
N GLN A 78 3.20 -15.61 -6.61
CA GLN A 78 2.02 -16.03 -7.36
C GLN A 78 1.84 -15.07 -8.52
N ALA A 79 1.21 -15.54 -9.60
CA ALA A 79 1.05 -14.73 -10.80
C ALA A 79 0.08 -13.58 -10.55
N ARG A 80 0.52 -12.59 -9.77
CA ARG A 80 -0.27 -11.38 -9.56
C ARG A 80 0.60 -10.14 -9.56
N ASP A 81 0.15 -9.13 -10.28
CA ASP A 81 0.81 -7.83 -10.31
C ASP A 81 0.67 -7.13 -8.97
N LEU A 82 1.70 -6.40 -8.55
CA LEU A 82 1.63 -5.65 -7.31
C LEU A 82 2.03 -4.20 -7.49
N ILE A 83 1.45 -3.34 -6.65
CA ILE A 83 1.86 -1.95 -6.55
C ILE A 83 2.55 -1.76 -5.21
N GLY A 84 3.73 -1.15 -5.22
CA GLY A 84 4.51 -0.99 -4.01
C GLY A 84 4.62 0.46 -3.58
N VAL A 85 3.64 0.93 -2.82
CA VAL A 85 3.66 2.29 -2.29
C VAL A 85 4.64 2.38 -1.13
N ALA A 86 5.85 2.88 -1.39
CA ALA A 86 6.87 2.97 -0.36
C ALA A 86 7.92 4.04 -0.67
N VAL A 87 8.43 4.65 0.39
CA VAL A 87 9.46 5.68 0.28
C VAL A 87 10.80 5.05 -0.05
N THR A 88 11.72 5.85 -0.61
CA THR A 88 13.06 5.38 -0.92
C THR A 88 13.77 4.90 0.35
N GLY A 89 14.55 3.82 0.22
CA GLY A 89 15.21 3.23 1.36
C GLY A 89 14.38 2.13 2.00
N SER A 90 13.27 1.79 1.35
CA SER A 90 12.34 0.79 1.87
C SER A 90 12.89 -0.62 1.77
N GLY A 91 13.82 -0.85 0.84
CA GLY A 91 14.33 -2.19 0.60
C GLY A 91 13.58 -2.85 -0.55
N LYS A 92 12.88 -2.02 -1.30
CA LYS A 92 11.99 -2.49 -2.36
C LYS A 92 12.73 -3.05 -3.58
N THR A 93 14.00 -2.70 -3.71
CA THR A 93 14.78 -3.17 -4.85
C THR A 93 14.92 -4.68 -4.84
N ALA A 94 15.45 -5.23 -3.76
CA ALA A 94 15.58 -6.67 -3.63
C ALA A 94 14.19 -7.32 -3.52
N ALA A 95 13.20 -6.52 -3.15
CA ALA A 95 11.83 -7.00 -3.02
C ALA A 95 11.21 -7.38 -4.36
N PHE A 96 11.66 -6.75 -5.44
CA PHE A 96 11.18 -7.13 -6.76
C PHE A 96 12.22 -7.94 -7.52
N LEU A 97 13.45 -7.93 -7.02
CA LEU A 97 14.54 -8.65 -7.67
C LEU A 97 14.44 -10.16 -7.45
N LEU A 98 14.27 -10.57 -6.19
CA LEU A 98 14.18 -11.98 -5.86
C LEU A 98 13.00 -12.69 -6.56
N PRO A 99 11.78 -12.11 -6.50
CA PRO A 99 10.69 -12.80 -7.20
C PRO A 99 10.90 -12.86 -8.70
N LEU A 100 11.65 -11.90 -9.24
CA LEU A 100 11.98 -11.92 -10.67
C LEU A 100 12.93 -13.08 -10.96
N LEU A 101 13.93 -13.26 -10.10
CA LEU A 101 14.95 -14.29 -10.31
C LEU A 101 14.36 -15.70 -10.25
N VAL A 102 13.37 -15.91 -9.38
CA VAL A 102 12.75 -17.23 -9.27
C VAL A 102 11.86 -17.50 -10.48
N TYR A 103 11.40 -16.44 -11.14
CA TYR A 103 10.59 -16.59 -12.36
C TYR A 103 11.45 -16.50 -13.62
N ILE A 104 12.69 -16.04 -13.47
CA ILE A 104 13.65 -16.10 -14.56
C ILE A 104 13.74 -17.54 -15.04
N SER A 105 13.70 -18.46 -14.09
CA SER A 105 13.72 -19.89 -14.36
C SER A 105 12.48 -20.61 -13.82
N GLU A 106 11.49 -20.83 -14.69
CA GLU A 106 10.33 -21.64 -14.32
C GLU A 106 10.12 -22.78 -15.31
N GLU A 112 14.15 -20.99 -20.79
CA GLU A 112 15.26 -20.36 -20.07
C GLU A 112 16.59 -20.75 -20.67
N TYR A 113 16.94 -20.11 -21.78
CA TYR A 113 18.11 -20.53 -22.55
C TYR A 113 19.06 -19.38 -22.87
N ASN A 114 20.29 -19.73 -23.24
CA ASN A 114 21.37 -18.78 -23.39
C ASN A 114 21.37 -18.02 -24.71
N LYS A 115 20.87 -18.66 -25.76
CA LYS A 115 21.08 -18.19 -27.14
C LYS A 115 20.01 -17.22 -27.67
N ASN A 116 18.93 -17.04 -26.92
CA ASN A 116 17.72 -16.42 -27.45
C ASN A 116 17.82 -14.98 -27.98
N ASP A 117 18.57 -14.12 -27.29
CA ASP A 117 18.83 -12.74 -27.73
C ASP A 117 17.65 -11.75 -27.76
N GLY A 118 17.39 -11.14 -26.61
CA GLY A 118 16.25 -10.27 -26.41
C GLY A 118 15.75 -10.52 -25.00
N PRO A 119 15.80 -9.50 -24.13
CA PRO A 119 15.64 -9.63 -22.67
C PRO A 119 14.35 -10.28 -22.18
N TYR A 120 14.49 -11.15 -21.17
CA TYR A 120 13.35 -11.82 -20.53
C TYR A 120 12.58 -10.88 -19.60
N ALA A 121 13.29 -9.90 -19.05
CA ALA A 121 12.72 -9.01 -18.06
C ALA A 121 13.27 -7.59 -18.18
N LEU A 122 12.44 -6.61 -17.82
CA LEU A 122 12.81 -5.21 -17.94
C LEU A 122 12.57 -4.45 -16.64
N ILE A 123 13.51 -3.58 -16.31
CA ILE A 123 13.40 -2.74 -15.11
C ILE A 123 13.60 -1.28 -15.47
N LEU A 124 12.63 -0.45 -15.11
CA LEU A 124 12.68 0.96 -15.47
C LEU A 124 12.90 1.85 -14.25
N ALA A 125 13.66 2.91 -14.44
CA ALA A 125 14.00 3.82 -13.34
C ALA A 125 14.13 5.25 -13.87
N PRO A 126 13.80 6.24 -13.02
CA PRO A 126 13.84 7.66 -13.42
C PRO A 126 15.26 8.18 -13.64
N THR A 127 16.23 7.64 -12.91
CA THR A 127 17.57 8.21 -12.93
C THR A 127 18.64 7.16 -13.26
N ARG A 128 19.69 7.59 -13.93
CA ARG A 128 20.85 6.75 -14.22
C ARG A 128 21.47 6.19 -12.94
N GLU A 129 21.46 6.98 -11.88
CA GLU A 129 21.97 6.55 -10.59
C GLU A 129 21.22 5.33 -10.08
N LEU A 130 19.90 5.37 -10.21
CA LEU A 130 19.05 4.26 -9.80
C LEU A 130 19.28 3.04 -10.69
N VAL A 131 19.42 3.29 -12.00
CA VAL A 131 19.67 2.21 -12.94
C VAL A 131 20.95 1.47 -12.58
N GLN A 132 21.95 2.21 -12.13
CA GLN A 132 23.23 1.62 -11.76
C GLN A 132 23.19 1.02 -10.35
N GLN A 133 22.35 1.57 -9.48
CA GLN A 133 22.13 0.98 -8.16
C GLN A 133 21.40 -0.35 -8.30
N ILE A 134 20.36 -0.35 -9.11
CA ILE A 134 19.60 -1.57 -9.39
C ILE A 134 20.49 -2.61 -10.07
N GLU A 135 21.34 -2.14 -10.99
CA GLU A 135 22.27 -3.03 -11.68
C GLU A 135 23.13 -3.77 -10.67
N SER A 136 23.80 -3.02 -9.81
CA SER A 136 24.70 -3.61 -8.81
C SER A 136 23.97 -4.50 -7.82
N GLU A 137 22.89 -3.97 -7.23
CA GLU A 137 22.12 -4.71 -6.24
C GLU A 137 21.58 -6.01 -6.81
N ALA A 138 21.29 -6.01 -8.11
CA ALA A 138 20.86 -7.21 -8.80
C ALA A 138 22.04 -8.13 -9.08
N ARG A 139 23.19 -7.55 -9.41
CA ARG A 139 24.34 -8.33 -9.82
C ARG A 139 24.86 -9.25 -8.72
N LYS A 140 24.78 -8.83 -7.46
CA LYS A 140 25.28 -9.68 -6.38
C LYS A 140 24.29 -10.80 -6.07
N PHE A 141 23.11 -10.73 -6.68
CA PHE A 141 22.13 -11.81 -6.59
C PHE A 141 22.15 -12.67 -7.85
N ALA A 142 22.53 -12.06 -8.97
CA ALA A 142 22.49 -12.74 -10.26
C ALA A 142 23.77 -13.51 -10.56
N ASP A 143 24.92 -12.92 -10.21
CA ASP A 143 26.21 -13.55 -10.47
C ASP A 143 26.33 -14.95 -9.84
N PRO A 144 25.85 -15.14 -8.60
CA PRO A 144 25.86 -16.52 -8.10
C PRO A 144 24.92 -17.44 -8.86
N LEU A 145 23.87 -16.88 -9.46
CA LEU A 145 22.87 -17.69 -10.17
C LEU A 145 23.29 -17.97 -11.61
N GLY A 146 24.40 -17.38 -12.04
CA GLY A 146 25.00 -17.70 -13.32
C GLY A 146 24.40 -17.04 -14.54
N PHE A 147 23.69 -15.93 -14.36
CA PHE A 147 23.21 -15.17 -15.50
C PHE A 147 23.36 -13.66 -15.32
N THR A 148 23.12 -12.91 -16.39
CA THR A 148 23.55 -11.52 -16.48
C THR A 148 22.45 -10.47 -16.38
N VAL A 149 22.84 -9.28 -15.93
CA VAL A 149 21.97 -8.12 -15.86
C VAL A 149 22.68 -6.93 -16.49
N VAL A 150 22.04 -6.29 -17.47
CA VAL A 150 22.69 -5.22 -18.22
C VAL A 150 21.96 -3.88 -18.10
N SER A 151 22.71 -2.83 -17.83
CA SER A 151 22.15 -1.49 -17.76
C SER A 151 22.35 -0.73 -19.07
N ILE A 152 21.25 -0.22 -19.61
CA ILE A 152 21.32 0.64 -20.79
C ILE A 152 21.36 2.10 -20.37
N VAL A 153 22.56 2.67 -20.34
CA VAL A 153 22.76 4.03 -19.88
C VAL A 153 23.76 4.76 -20.77
N GLY A 154 23.66 6.08 -20.81
CA GLY A 154 24.59 6.90 -21.56
C GLY A 154 25.73 7.38 -20.68
N GLY A 155 26.55 8.29 -21.20
CA GLY A 155 27.65 8.85 -20.44
C GLY A 155 28.83 7.91 -20.30
N HIS A 156 28.72 6.74 -20.91
CA HIS A 156 29.82 5.78 -20.96
C HIS A 156 30.09 5.44 -22.42
N SER A 157 31.23 4.81 -22.69
CA SER A 157 31.55 4.42 -24.07
C SER A 157 30.51 3.41 -24.57
N LEU A 158 30.01 3.64 -25.77
CA LEU A 158 28.95 2.79 -26.33
C LEU A 158 29.45 1.37 -26.57
N GLU A 159 30.73 1.24 -26.92
CA GLU A 159 31.34 -0.06 -27.18
C GLU A 159 31.24 -0.98 -25.96
N GLU A 160 31.37 -0.40 -24.77
CA GLU A 160 31.30 -1.16 -23.52
C GLU A 160 29.87 -1.63 -23.24
N GLN A 161 28.90 -0.82 -23.68
CA GLN A 161 27.48 -1.15 -23.58
C GLN A 161 27.10 -2.27 -24.57
N ALA A 162 27.61 -2.15 -25.79
CA ALA A 162 27.40 -3.12 -26.85
C ALA A 162 28.14 -4.41 -26.53
N PHE A 163 28.81 -4.41 -25.39
CA PHE A 163 29.63 -5.49 -24.88
C PHE A 163 28.89 -6.70 -24.31
N ALA A 164 27.56 -6.62 -24.23
CA ALA A 164 26.82 -7.75 -23.71
C ALA A 164 26.80 -8.70 -24.89
N LEU A 165 27.99 -9.22 -25.15
CA LEU A 165 28.27 -10.14 -26.24
C LEU A 165 27.59 -11.50 -26.23
N ARG A 166 27.54 -12.17 -25.09
CA ARG A 166 26.91 -13.47 -25.05
C ARG A 166 25.41 -13.29 -25.19
N ASN A 167 25.04 -12.04 -25.40
CA ASN A 167 23.68 -11.60 -25.63
C ASN A 167 22.67 -12.12 -24.65
N GLY A 168 23.07 -12.15 -23.41
CA GLY A 168 22.24 -12.60 -22.32
C GLY A 168 21.16 -11.59 -22.04
N ALA A 169 21.48 -10.64 -21.17
CA ALA A 169 20.56 -9.58 -20.76
C ALA A 169 19.20 -10.16 -20.36
N GLU A 170 19.23 -11.20 -19.52
CA GLU A 170 18.00 -11.79 -19.00
C GLU A 170 17.18 -10.69 -18.34
N ILE A 171 17.87 -9.76 -17.68
CA ILE A 171 17.25 -8.55 -17.16
C ILE A 171 17.98 -7.31 -17.68
N ILE A 172 17.21 -6.36 -18.20
CA ILE A 172 17.77 -5.08 -18.64
C ILE A 172 17.17 -3.94 -17.83
N VAL A 173 18.03 -3.16 -17.18
CA VAL A 173 17.57 -2.01 -16.41
C VAL A 173 17.98 -0.73 -17.12
N ALA A 174 17.03 0.19 -17.27
CA ALA A 174 17.30 1.43 -17.98
C ALA A 174 16.23 2.51 -17.76
N THR A 175 16.60 3.73 -18.11
CA THR A 175 15.70 4.86 -18.13
C THR A 175 14.71 4.73 -19.28
N PRO A 176 13.43 5.03 -19.02
CA PRO A 176 12.42 5.06 -20.09
C PRO A 176 12.85 5.93 -21.26
N GLY A 177 13.58 6.99 -20.95
CA GLY A 177 13.99 7.98 -21.94
C GLY A 177 15.15 7.60 -22.84
N ARG A 178 15.95 6.62 -22.44
CA ARG A 178 17.05 6.21 -23.30
C ARG A 178 16.78 4.88 -23.97
N LEU A 179 15.94 4.04 -23.36
CA LEU A 179 15.60 2.76 -23.97
C LEU A 179 14.69 2.98 -25.16
N VAL A 180 13.87 4.03 -25.09
CA VAL A 180 12.99 4.40 -26.19
C VAL A 180 13.82 4.79 -27.42
N ASP A 181 15.01 5.33 -27.16
CA ASP A 181 15.92 5.76 -28.20
C ASP A 181 16.37 4.59 -29.08
N CYS A 182 16.56 3.43 -28.45
CA CYS A 182 16.98 2.23 -29.18
C CYS A 182 15.81 1.35 -29.57
N ILE A 183 14.59 1.79 -29.27
CA ILE A 183 13.41 0.97 -29.48
C ILE A 183 12.74 1.20 -30.83
N GLU A 184 12.40 2.46 -31.13
CA GLU A 184 11.71 2.79 -32.37
C GLU A 184 12.61 2.57 -33.58
N ARG A 185 13.92 2.63 -33.37
CA ARG A 185 14.88 2.33 -34.41
C ARG A 185 15.05 0.81 -34.53
N ARG A 186 14.46 0.09 -33.57
CA ARG A 186 14.47 -1.36 -33.53
C ARG A 186 15.89 -1.93 -33.47
N LEU A 187 16.76 -1.25 -32.73
CA LEU A 187 18.10 -1.75 -32.48
C LEU A 187 18.08 -2.78 -31.36
N LEU A 188 16.94 -2.87 -30.69
CA LEU A 188 16.71 -3.86 -29.65
C LEU A 188 15.27 -4.38 -29.76
N VAL A 189 15.06 -5.62 -29.33
CA VAL A 189 13.74 -6.24 -29.46
C VAL A 189 13.25 -6.81 -28.12
N PHE A 190 11.95 -6.66 -27.88
CA PHE A 190 11.33 -7.17 -26.65
C PHE A 190 10.41 -8.35 -26.93
N SER A 191 10.87 -9.29 -27.75
CA SER A 191 10.08 -10.48 -28.10
C SER A 191 9.84 -11.37 -26.89
N GLN A 192 10.74 -11.31 -25.91
CA GLN A 192 10.71 -12.24 -24.79
C GLN A 192 10.58 -11.55 -23.44
N CYS A 193 10.34 -10.24 -23.46
CA CYS A 193 10.18 -9.49 -22.23
C CYS A 193 8.77 -9.67 -21.65
N CYS A 194 8.59 -10.74 -20.88
CA CYS A 194 7.30 -11.04 -20.28
C CYS A 194 7.30 -10.79 -18.77
N TYR A 195 8.03 -9.75 -18.36
CA TYR A 195 8.07 -9.32 -16.96
C TYR A 195 8.67 -7.92 -16.89
N VAL A 196 7.87 -6.96 -16.41
CA VAL A 196 8.30 -5.56 -16.37
C VAL A 196 8.13 -4.97 -14.96
N ILE A 197 9.12 -4.18 -14.53
CA ILE A 197 9.10 -3.58 -13.19
C ILE A 197 9.29 -2.06 -13.28
N MET A 198 8.49 -1.31 -12.52
CA MET A 198 8.53 0.15 -12.57
C MET A 198 8.86 0.78 -11.22
N ASP A 199 10.14 0.88 -10.91
CA ASP A 199 10.59 1.47 -9.65
C ASP A 199 10.49 2.99 -9.67
N GLU A 200 9.88 3.55 -8.62
CA GLU A 200 9.73 4.99 -8.45
C GLU A 200 9.12 5.67 -9.67
N ALA A 201 7.88 5.30 -10.00
CA ALA A 201 7.20 5.93 -11.13
C ALA A 201 6.86 7.38 -10.82
N ASP A 202 7.10 7.78 -9.57
CA ASP A 202 6.96 9.18 -9.16
C ASP A 202 7.85 10.08 -10.00
N ARG A 203 9.15 9.82 -9.96
CA ARG A 203 10.11 10.69 -10.63
C ARG A 203 10.23 10.37 -12.12
N MET A 204 9.61 9.28 -12.55
CA MET A 204 9.45 9.03 -13.98
C MET A 204 8.57 10.11 -14.57
N ILE A 205 7.37 10.27 -13.99
CA ILE A 205 6.44 11.30 -14.38
C ILE A 205 6.98 12.69 -14.01
N ASP A 206 7.68 12.77 -12.88
CA ASP A 206 8.26 14.04 -12.45
C ASP A 206 9.41 14.48 -13.36
N GLN A 207 9.84 13.59 -14.25
CA GLN A 207 10.87 13.93 -15.22
C GLN A 207 10.44 13.63 -16.65
N GLY A 208 9.14 13.71 -16.89
CA GLY A 208 8.58 13.69 -18.24
C GLY A 208 8.70 12.39 -19.01
N PHE A 209 8.93 11.28 -18.31
CA PHE A 209 9.07 10.00 -18.98
C PHE A 209 7.72 9.37 -19.29
N GLU A 210 6.64 10.13 -19.06
CA GLU A 210 5.28 9.63 -19.24
C GLU A 210 5.08 8.98 -20.61
N GLU A 211 5.10 9.80 -21.66
CA GLU A 211 4.90 9.29 -23.01
C GLU A 211 5.97 8.28 -23.49
N PRO A 212 7.26 8.51 -23.17
CA PRO A 212 8.24 7.48 -23.54
C PRO A 212 7.97 6.13 -22.87
N LEU A 213 7.50 6.18 -21.62
CA LEU A 213 7.14 4.97 -20.89
C LEU A 213 5.97 4.25 -21.57
N THR A 214 4.98 5.02 -21.99
CA THR A 214 3.82 4.47 -22.68
C THR A 214 4.22 3.83 -24.00
N LYS A 215 5.29 4.33 -24.61
CA LYS A 215 5.78 3.77 -25.86
C LYS A 215 6.25 2.34 -25.61
N ILE A 216 6.80 2.10 -24.44
CA ILE A 216 7.20 0.76 -24.04
C ILE A 216 5.98 0.00 -23.51
N LEU A 217 5.21 -0.57 -24.42
CA LEU A 217 4.02 -1.34 -24.07
C LEU A 217 4.02 -2.67 -24.80
N ASP A 218 5.09 -2.95 -25.53
CA ASP A 218 5.19 -4.13 -26.37
C ASP A 218 5.11 -5.43 -25.58
N ALA A 219 4.76 -6.51 -26.30
CA ALA A 219 4.57 -7.85 -25.74
C ALA A 219 3.35 -7.91 -24.80
N LEU A 220 2.73 -9.09 -24.74
CA LEU A 220 1.47 -9.27 -24.03
C LEU A 220 1.12 -10.74 -23.92
N ARG A 249 4.40 -12.16 -18.11
CA ARG A 249 3.17 -11.39 -18.24
C ARG A 249 3.02 -10.37 -17.11
N GLN A 250 3.70 -10.64 -15.99
CA GLN A 250 3.59 -9.80 -14.81
C GLN A 250 4.16 -8.40 -15.01
N THR A 251 3.51 -7.41 -14.41
CA THR A 251 4.02 -6.05 -14.39
C THR A 251 3.83 -5.47 -13.00
N MET A 252 4.87 -4.83 -12.46
CA MET A 252 4.81 -4.31 -11.10
C MET A 252 5.26 -2.86 -11.04
N MET A 253 4.94 -2.19 -9.95
CA MET A 253 5.04 -0.74 -9.89
C MET A 253 5.29 -0.22 -8.48
N TYR A 254 6.53 0.21 -8.24
CA TYR A 254 6.90 0.71 -6.93
C TYR A 254 7.03 2.23 -6.95
N THR A 255 6.30 2.87 -6.04
CA THR A 255 6.26 4.33 -5.95
C THR A 255 6.19 4.76 -4.49
N ALA A 256 6.23 6.06 -4.27
CA ALA A 256 5.94 6.60 -2.94
C ALA A 256 4.57 7.26 -2.98
N THR A 257 4.14 7.64 -4.18
CA THR A 257 2.92 8.41 -4.37
C THR A 257 2.12 7.94 -5.59
N MET A 258 0.83 8.25 -5.60
CA MET A 258 -0.02 7.93 -6.75
C MET A 258 -0.89 9.10 -7.19
N PRO A 259 -0.28 10.11 -7.83
CA PRO A 259 -1.04 11.20 -8.45
C PRO A 259 -1.89 10.66 -9.62
N PRO A 260 -2.85 11.45 -10.15
CA PRO A 260 -3.77 10.93 -11.17
C PRO A 260 -3.07 10.48 -12.45
N THR A 261 -1.94 11.08 -12.79
CA THR A 261 -1.16 10.62 -13.92
C THR A 261 -0.66 9.22 -13.64
N VAL A 262 -0.11 9.03 -12.44
CA VAL A 262 0.48 7.76 -12.02
C VAL A 262 -0.57 6.67 -11.82
N GLU A 263 -1.74 7.04 -11.31
CA GLU A 263 -2.84 6.09 -11.17
C GLU A 263 -3.36 5.65 -12.53
N LYS A 264 -3.39 6.54 -13.50
CA LYS A 264 -3.85 6.14 -14.81
C LYS A 264 -2.85 5.18 -15.37
N ILE A 265 -1.59 5.51 -15.30
CA ILE A 265 -0.58 4.61 -15.84
C ILE A 265 -0.72 3.22 -15.23
N ALA A 266 -1.13 3.18 -13.96
CA ALA A 266 -1.29 1.92 -13.25
C ALA A 266 -2.46 1.09 -13.79
N LYS A 267 -3.64 1.70 -13.83
CA LYS A 267 -4.86 0.97 -14.20
C LYS A 267 -4.81 0.38 -15.60
N LYS A 268 -4.18 1.09 -16.53
CA LYS A 268 -4.19 0.69 -17.93
C LYS A 268 -3.29 -0.51 -18.23
N TYR A 269 -2.39 -0.83 -17.31
CA TYR A 269 -1.40 -1.87 -17.59
C TYR A 269 -1.30 -2.93 -16.49
N LEU A 270 -2.02 -2.75 -15.39
CA LEU A 270 -1.94 -3.69 -14.28
C LEU A 270 -3.22 -4.53 -14.14
N ARG A 271 -3.15 -5.76 -14.62
CA ARG A 271 -4.25 -6.69 -14.47
C ARG A 271 -4.34 -7.17 -13.03
N ARG A 272 -5.53 -7.07 -12.45
CA ARG A 272 -5.76 -7.48 -11.07
C ARG A 272 -4.72 -6.88 -10.12
N PRO A 273 -4.82 -5.58 -9.85
CA PRO A 273 -3.84 -4.90 -9.01
C PRO A 273 -3.86 -5.40 -7.56
N ALA A 274 -2.69 -5.50 -6.95
CA ALA A 274 -2.58 -5.81 -5.53
C ALA A 274 -1.72 -4.73 -4.88
N ILE A 275 -2.33 -3.94 -4.00
CA ILE A 275 -1.69 -2.70 -3.54
C ILE A 275 -1.16 -2.78 -2.12
N VAL A 276 0.14 -3.05 -2.00
CA VAL A 276 0.85 -2.99 -0.73
C VAL A 276 1.16 -1.54 -0.39
N THR A 277 1.08 -1.20 0.89
CA THR A 277 1.37 0.15 1.36
C THR A 277 2.12 0.08 2.69
N ILE A 278 2.99 1.05 2.94
CA ILE A 278 3.66 1.14 4.23
C ILE A 278 3.33 2.46 4.92
N GLY A 279 3.18 2.40 6.24
CA GLY A 279 2.82 3.58 7.03
C GLY A 279 3.90 4.64 6.99
N ASN A 280 3.50 5.88 6.70
CA ASN A 280 4.45 6.98 6.60
C ASN A 280 4.04 8.16 7.48
N THR A 287 0.63 15.91 8.86
CA THR A 287 -0.76 16.01 9.31
C THR A 287 -1.70 16.23 8.14
N VAL A 288 -2.97 15.88 8.34
CA VAL A 288 -3.99 16.03 7.30
C VAL A 288 -5.32 16.48 7.91
N GLU A 289 -5.71 15.78 8.97
CA GLU A 289 -7.07 15.84 9.50
C GLU A 289 -7.52 17.19 10.05
N GLN A 290 -8.73 17.59 9.67
CA GLN A 290 -9.46 18.61 10.41
C GLN A 290 -10.18 17.89 11.54
N ARG A 291 -10.32 18.53 12.69
CA ARG A 291 -10.84 17.83 13.86
C ARG A 291 -11.93 18.60 14.60
N VAL A 292 -13.09 18.73 13.96
CA VAL A 292 -14.25 19.35 14.58
C VAL A 292 -14.70 18.50 15.78
N GLU A 293 -15.17 19.15 16.83
CA GLU A 293 -15.60 18.43 18.03
C GLU A 293 -16.83 19.04 18.68
N PHE A 294 -17.77 18.19 19.08
CA PHE A 294 -19.02 18.64 19.68
C PHE A 294 -19.16 18.21 21.13
N ILE A 295 -19.85 19.03 21.91
CA ILE A 295 -20.27 18.68 23.26
C ILE A 295 -21.76 18.43 23.25
N ALA A 296 -22.20 17.32 23.84
CA ALA A 296 -23.61 16.95 23.78
C ALA A 296 -24.06 16.08 24.95
N GLY A 297 -25.37 15.88 25.03
CA GLY A 297 -25.95 14.95 25.99
C GLY A 297 -25.62 13.52 25.59
N GLU A 298 -26.17 12.55 26.32
CA GLU A 298 -25.77 11.17 26.14
C GLU A 298 -26.18 10.58 24.77
N ASP A 299 -27.43 10.77 24.37
CA ASP A 299 -27.88 10.20 23.10
C ASP A 299 -28.72 11.16 22.26
N LYS A 300 -28.46 12.46 22.40
CA LYS A 300 -28.94 13.45 21.44
C LYS A 300 -28.07 13.39 20.20
N ARG A 301 -26.99 12.63 20.31
CA ARG A 301 -25.96 12.56 19.28
C ARG A 301 -26.47 11.93 17.98
N LYS A 302 -27.43 11.02 18.11
CA LYS A 302 -27.98 10.32 16.96
C LYS A 302 -28.78 11.27 16.05
N ARG A 303 -29.39 12.28 16.65
CA ARG A 303 -30.11 13.29 15.90
C ARG A 303 -29.13 14.21 15.16
N ARG A 304 -27.99 14.46 15.79
CA ARG A 304 -26.93 15.26 15.19
C ARG A 304 -26.31 14.54 14.00
N LEU A 305 -26.11 13.23 14.17
CA LEU A 305 -25.59 12.40 13.10
C LEU A 305 -26.56 12.40 11.92
N GLN A 306 -27.84 12.30 12.24
CA GLN A 306 -28.88 12.37 11.22
C GLN A 306 -28.77 13.68 10.46
N GLU A 307 -28.55 14.76 11.22
CA GLU A 307 -28.40 16.10 10.66
C GLU A 307 -27.19 16.21 9.74
N ILE A 308 -26.07 15.63 10.17
CA ILE A 308 -24.85 15.64 9.37
C ILE A 308 -25.03 14.90 8.06
N LEU A 309 -25.59 13.70 8.16
CA LEU A 309 -25.80 12.85 6.99
C LEU A 309 -26.79 13.49 6.02
N ASN A 310 -27.86 14.08 6.56
CA ASN A 310 -28.85 14.75 5.74
C ASN A 310 -28.37 16.12 5.28
N SER A 311 -27.27 16.60 5.85
CA SER A 311 -26.67 17.85 5.39
C SER A 311 -26.16 17.66 3.98
N GLY A 312 -25.69 16.45 3.68
CA GLY A 312 -25.16 16.14 2.37
C GLY A 312 -23.78 16.74 2.17
N GLN A 313 -23.23 17.33 3.22
CA GLN A 313 -21.93 17.99 3.15
C GLN A 313 -20.81 16.99 2.90
N PHE A 314 -21.02 15.75 3.33
CA PHE A 314 -19.98 14.73 3.22
C PHE A 314 -20.35 13.62 2.24
N LYS A 315 -19.33 13.07 1.59
CA LYS A 315 -19.50 12.12 0.50
C LYS A 315 -19.11 10.70 0.92
N PRO A 316 -20.07 9.77 0.91
CA PRO A 316 -19.83 8.35 1.25
C PRO A 316 -18.71 7.75 0.39
N PRO A 317 -17.86 6.89 0.98
CA PRO A 317 -17.90 6.28 2.31
C PRO A 317 -17.74 7.23 3.49
N ILE A 318 -18.53 6.97 4.54
CA ILE A 318 -18.43 7.68 5.81
C ILE A 318 -18.32 6.66 6.94
N ILE A 319 -17.35 6.83 7.83
CA ILE A 319 -17.15 5.89 8.91
C ILE A 319 -17.61 6.46 10.26
N VAL A 320 -18.49 5.74 10.93
CA VAL A 320 -18.95 6.15 12.25
C VAL A 320 -18.59 5.09 13.30
N PHE A 321 -17.70 5.45 14.22
CA PHE A 321 -17.23 4.54 15.25
C PHE A 321 -18.03 4.67 16.54
N VAL A 322 -18.10 3.58 17.28
CA VAL A 322 -18.83 3.51 18.55
C VAL A 322 -18.11 2.57 19.50
N ASN A 323 -18.09 2.91 20.79
CA ASN A 323 -17.34 2.13 21.77
C ASN A 323 -17.98 0.78 22.10
N ILE A 324 -19.31 0.73 22.10
CA ILE A 324 -20.03 -0.47 22.54
C ILE A 324 -20.67 -1.20 21.36
N LYS A 325 -20.61 -2.54 21.39
CA LYS A 325 -21.13 -3.38 20.31
C LYS A 325 -22.65 -3.28 20.14
N ARG A 326 -23.37 -3.29 21.26
CA ARG A 326 -24.83 -3.20 21.23
C ARG A 326 -25.28 -1.87 20.64
N ASN A 327 -24.56 -0.80 20.97
CA ASN A 327 -24.85 0.51 20.42
C ASN A 327 -24.40 0.61 18.97
N CYS A 328 -23.36 -0.15 18.63
CA CYS A 328 -22.88 -0.24 17.25
C CYS A 328 -23.97 -0.71 16.30
N GLU A 329 -24.57 -1.83 16.65
CA GLU A 329 -25.57 -2.46 15.81
C GLU A 329 -26.92 -1.74 15.91
N MET A 330 -27.12 -1.03 17.02
CA MET A 330 -28.36 -0.30 17.22
C MET A 330 -28.39 0.98 16.39
N VAL A 331 -27.28 1.72 16.39
CA VAL A 331 -27.21 2.94 15.59
C VAL A 331 -27.15 2.59 14.10
N ALA A 332 -26.55 1.46 13.77
CA ALA A 332 -26.46 1.00 12.39
C ALA A 332 -27.84 0.69 11.84
N LYS A 333 -28.66 0.06 12.66
CA LYS A 333 -30.05 -0.24 12.29
C LYS A 333 -30.85 1.04 12.16
N ASP A 334 -30.52 2.03 12.99
CA ASP A 334 -31.20 3.31 12.96
C ASP A 334 -30.81 4.09 11.70
N ILE A 335 -29.54 4.00 11.31
CA ILE A 335 -29.11 4.62 10.06
C ILE A 335 -29.74 3.88 8.88
N LYS A 336 -29.98 2.58 9.04
CA LYS A 336 -30.70 1.80 8.04
C LYS A 336 -32.13 2.33 7.89
N SER A 337 -32.71 2.78 9.00
CA SER A 337 -34.07 3.32 8.99
C SER A 337 -34.10 4.72 8.36
N TRP A 338 -32.93 5.34 8.27
CA TRP A 338 -32.79 6.65 7.65
C TRP A 338 -32.64 6.52 6.14
N GLY A 339 -32.65 5.29 5.65
CA GLY A 339 -32.57 5.03 4.23
C GLY A 339 -31.15 4.87 3.73
N PHE A 340 -30.18 5.09 4.61
CA PHE A 340 -28.78 4.98 4.22
C PHE A 340 -28.33 3.53 4.13
N SER A 341 -27.37 3.28 3.25
CA SER A 341 -26.83 1.94 3.02
C SER A 341 -25.61 1.67 3.90
N THR A 342 -25.81 0.96 5.02
CA THR A 342 -24.73 0.71 5.97
C THR A 342 -24.22 -0.74 5.98
N VAL A 343 -22.91 -0.92 6.14
CA VAL A 343 -22.32 -2.24 6.19
C VAL A 343 -21.57 -2.46 7.51
N THR A 344 -21.77 -3.62 8.14
CA THR A 344 -21.14 -3.93 9.42
C THR A 344 -19.99 -4.91 9.27
N LEU A 345 -18.84 -4.57 9.83
CA LEU A 345 -17.71 -5.45 9.72
C LEU A 345 -17.55 -6.05 11.09
N HIS A 346 -17.77 -7.35 11.19
CA HIS A 346 -17.69 -8.06 12.47
C HIS A 346 -16.85 -9.32 12.39
N GLY A 347 -16.15 -9.61 13.49
CA GLY A 347 -15.29 -10.76 13.59
C GLY A 347 -15.93 -12.11 13.39
N SER A 348 -17.26 -12.23 13.45
CA SER A 348 -17.74 -13.59 13.32
C SER A 348 -17.33 -14.19 11.99
N LYS A 349 -17.41 -13.40 10.92
CA LYS A 349 -17.02 -13.86 9.58
C LYS A 349 -15.54 -13.65 9.26
N THR A 350 -15.07 -14.29 8.18
CA THR A 350 -13.68 -14.20 7.77
C THR A 350 -13.35 -13.08 6.79
N GLN A 351 -12.05 -12.93 6.54
CA GLN A 351 -11.50 -11.90 5.67
C GLN A 351 -12.08 -12.02 4.27
N GLU A 352 -12.37 -13.24 3.83
CA GLU A 352 -12.91 -13.43 2.50
C GLU A 352 -14.23 -12.65 2.40
N GLN A 353 -15.03 -12.67 3.46
CA GLN A 353 -16.28 -11.93 3.47
C GLN A 353 -16.12 -10.54 4.03
N ARG A 354 -15.23 -10.40 5.01
CA ARG A 354 -14.93 -9.10 5.57
C ARG A 354 -14.33 -8.20 4.49
N GLU A 355 -13.43 -8.75 3.68
CA GLU A 355 -12.85 -8.02 2.57
C GLU A 355 -13.93 -7.64 1.58
N ALA A 356 -14.81 -8.59 1.28
CA ALA A 356 -15.92 -8.35 0.37
C ALA A 356 -16.73 -7.16 0.85
N SER A 357 -16.91 -7.07 2.16
CA SER A 357 -17.64 -5.97 2.76
C SER A 357 -16.96 -4.61 2.57
N LEU A 358 -15.65 -4.56 2.78
CA LEU A 358 -14.88 -3.33 2.55
C LEU A 358 -14.93 -2.93 1.08
N ALA A 359 -14.86 -3.92 0.21
CA ALA A 359 -14.97 -3.69 -1.22
C ALA A 359 -16.39 -3.23 -1.54
N ALA A 360 -17.36 -3.75 -0.80
CA ALA A 360 -18.75 -3.33 -0.94
C ALA A 360 -18.91 -1.89 -0.50
N LEU A 361 -17.93 -1.40 0.27
CA LEU A 361 -17.92 -0.01 0.71
C LEU A 361 -17.30 0.89 -0.37
N ARG A 362 -16.23 0.39 -0.99
CA ARG A 362 -15.54 1.14 -2.05
C ARG A 362 -16.42 1.30 -3.29
N ASN A 363 -17.12 0.22 -3.65
CA ASN A 363 -17.85 0.17 -4.92
C ASN A 363 -19.19 0.90 -4.90
N GLY A 364 -19.55 1.48 -3.76
CA GLY A 364 -20.74 2.31 -3.69
C GLY A 364 -22.06 1.60 -3.48
N GLN A 365 -22.02 0.27 -3.33
CA GLN A 365 -23.24 -0.46 -2.96
C GLN A 365 -23.59 -0.11 -1.53
N ALA A 366 -22.57 0.19 -0.74
CA ALA A 366 -22.74 0.61 0.64
C ALA A 366 -22.12 1.98 0.87
N HIS A 367 -22.71 2.76 1.75
CA HIS A 367 -22.30 4.16 1.95
C HIS A 367 -21.65 4.42 3.31
N ILE A 368 -22.37 4.10 4.37
CA ILE A 368 -21.89 4.39 5.72
C ILE A 368 -21.43 3.11 6.43
N LEU A 369 -20.37 3.21 7.21
CA LEU A 369 -19.84 2.05 7.92
C LEU A 369 -19.83 2.28 9.43
N VAL A 370 -20.42 1.35 10.18
CA VAL A 370 -20.36 1.38 11.63
C VAL A 370 -19.32 0.40 12.14
N ALA A 371 -18.67 0.72 13.25
CA ALA A 371 -17.57 -0.12 13.70
C ALA A 371 -17.21 0.05 15.17
N THR A 372 -16.69 -1.03 15.74
CA THR A 372 -16.02 -1.00 17.03
C THR A 372 -14.53 -0.81 16.76
N ASP A 373 -13.74 -0.61 17.80
CA ASP A 373 -12.30 -0.40 17.62
C ASP A 373 -11.65 -1.59 16.94
N LEU A 374 -12.09 -2.79 17.31
CA LEU A 374 -11.59 -4.02 16.71
C LEU A 374 -12.07 -4.18 15.28
N ALA A 375 -13.28 -3.69 15.02
CA ALA A 375 -13.94 -3.92 13.75
C ALA A 375 -13.11 -3.46 12.55
N GLY A 376 -12.31 -2.41 12.75
CA GLY A 376 -11.49 -1.91 11.65
C GLY A 376 -10.27 -1.12 12.07
N ARG A 377 -9.42 -1.70 12.90
CA ARG A 377 -8.18 -1.05 13.25
C ARG A 377 -7.26 -1.02 12.02
N GLY A 378 -7.21 -2.13 11.29
CA GLY A 378 -6.32 -2.23 10.16
C GLY A 378 -6.84 -1.65 8.85
N ILE A 379 -8.15 -1.48 8.74
CA ILE A 379 -8.77 -1.12 7.46
C ILE A 379 -8.22 0.18 6.88
N ASP A 380 -8.14 0.22 5.55
CA ASP A 380 -7.61 1.38 4.85
C ASP A 380 -8.49 1.71 3.65
N VAL A 381 -9.69 2.22 3.93
CA VAL A 381 -10.61 2.65 2.89
C VAL A 381 -10.26 4.07 2.45
N PRO A 382 -9.95 4.24 1.16
CA PRO A 382 -9.38 5.49 0.64
C PRO A 382 -10.34 6.67 0.68
N ASP A 383 -9.80 7.84 1.03
CA ASP A 383 -10.49 9.12 0.89
C ASP A 383 -11.92 9.08 1.46
N VAL A 384 -12.04 8.60 2.70
CA VAL A 384 -13.31 8.64 3.39
C VAL A 384 -13.58 10.10 3.81
N SER A 385 -14.77 10.59 3.53
CA SER A 385 -15.07 12.00 3.74
C SER A 385 -15.08 12.39 5.21
N LEU A 386 -15.60 11.51 6.05
CA LEU A 386 -15.83 11.89 7.45
C LEU A 386 -15.65 10.72 8.42
N VAL A 387 -15.01 11.02 9.54
CA VAL A 387 -14.90 10.09 10.65
C VAL A 387 -15.70 10.62 11.82
N VAL A 388 -16.81 9.95 12.14
CA VAL A 388 -17.64 10.35 13.26
C VAL A 388 -17.37 9.49 14.48
N ASN A 389 -16.80 10.09 15.51
CA ASN A 389 -16.62 9.40 16.77
C ASN A 389 -17.83 9.60 17.67
N PHE A 390 -18.83 8.75 17.48
CA PHE A 390 -20.07 8.81 18.25
C PHE A 390 -19.77 8.70 19.74
N ASN A 391 -18.74 7.93 20.06
CA ASN A 391 -18.17 7.88 21.40
C ASN A 391 -16.66 7.97 21.30
N MET A 392 -16.04 8.86 22.06
CA MET A 392 -14.58 8.88 22.11
C MET A 392 -14.10 7.73 22.98
N PRO A 393 -13.15 6.94 22.46
CA PRO A 393 -12.59 5.78 23.16
C PRO A 393 -11.90 6.17 24.46
N SER A 394 -11.82 5.24 25.40
CA SER A 394 -11.18 5.50 26.68
C SER A 394 -9.67 5.74 26.50
N THR A 395 -9.04 4.92 25.68
CA THR A 395 -7.63 5.14 25.33
C THR A 395 -7.54 6.25 24.29
N ILE A 396 -6.47 7.03 24.36
CA ILE A 396 -6.31 8.17 23.48
C ILE A 396 -5.72 7.77 22.13
N GLU A 397 -4.87 6.75 22.15
CA GLU A 397 -4.16 6.31 20.96
C GLU A 397 -5.11 5.76 19.89
N ALA A 398 -6.25 5.22 20.34
CA ALA A 398 -7.25 4.73 19.42
C ALA A 398 -7.89 5.88 18.64
N TYR A 399 -8.08 7.01 19.30
CA TYR A 399 -8.61 8.19 18.64
C TYR A 399 -7.69 8.63 17.51
N THR A 400 -6.40 8.75 17.84
CA THR A 400 -5.37 9.09 16.87
C THR A 400 -5.37 8.10 15.72
N HIS A 401 -5.63 6.85 16.05
CA HIS A 401 -5.60 5.80 15.05
C HIS A 401 -6.76 5.85 14.07
N ARG A 402 -7.97 6.10 14.58
CA ARG A 402 -9.16 6.06 13.75
C ARG A 402 -9.26 7.30 12.88
N ILE A 403 -8.82 8.44 13.41
CA ILE A 403 -8.75 9.65 12.60
C ILE A 403 -7.50 9.62 11.74
N GLY A 404 -6.56 8.77 12.11
CA GLY A 404 -5.29 8.67 11.40
C GLY A 404 -5.44 8.06 10.03
N ARG A 405 -6.63 7.57 9.72
CA ARG A 405 -6.88 6.93 8.43
C ARG A 405 -8.05 7.59 7.71
N THR A 406 -7.73 8.65 6.96
CA THR A 406 -8.71 9.42 6.22
C THR A 406 -8.05 10.07 5.01
N GLY A 407 -6.77 10.41 5.17
CA GLY A 407 -5.99 10.99 4.08
C GLY A 407 -4.78 10.15 3.71
N ARG A 408 -4.79 9.62 2.48
CA ARG A 408 -3.65 8.86 1.97
C ARG A 408 -2.42 9.75 1.87
N ALA A 409 -2.53 10.80 1.04
CA ALA A 409 -1.50 11.83 0.97
C ALA A 409 -2.15 13.18 1.24
N GLY A 410 -3.48 13.16 1.26
CA GLY A 410 -4.28 14.33 1.50
C GLY A 410 -5.72 14.02 1.16
N LYS A 411 -6.64 14.48 2.00
CA LYS A 411 -8.06 14.28 1.77
C LYS A 411 -8.87 15.33 2.51
N SER A 412 -10.19 15.17 2.51
CA SER A 412 -11.08 16.04 3.27
C SER A 412 -10.66 16.07 4.72
N GLY A 413 -10.28 14.90 5.24
CA GLY A 413 -9.72 14.79 6.57
C GLY A 413 -10.60 15.35 7.68
N VAL A 414 -11.91 15.30 7.49
CA VAL A 414 -12.82 15.80 8.50
C VAL A 414 -13.14 14.72 9.52
N ALA A 415 -13.06 15.08 10.80
CA ALA A 415 -13.35 14.14 11.87
C ALA A 415 -14.12 14.85 12.98
N ILE A 416 -15.40 14.52 13.11
CA ILE A 416 -16.22 15.07 14.18
C ILE A 416 -16.25 14.11 15.37
N THR A 417 -15.91 14.63 16.55
CA THR A 417 -15.83 13.81 17.75
C THR A 417 -16.81 14.32 18.81
N PHE A 418 -17.74 13.46 19.19
CA PHE A 418 -18.72 13.80 20.22
C PHE A 418 -18.10 13.63 21.61
N LEU A 419 -18.46 14.52 22.53
CA LEU A 419 -17.86 14.53 23.86
C LEU A 419 -18.88 14.74 24.97
N GLY A 420 -18.47 14.44 26.19
CA GLY A 420 -19.29 14.66 27.37
C GLY A 420 -18.42 14.65 28.61
N ASN A 421 -19.04 14.87 29.77
CA ASN A 421 -18.29 14.85 31.02
C ASN A 421 -18.08 13.42 31.53
N GLU A 422 -18.69 12.46 30.85
CA GLU A 422 -18.54 11.06 31.19
C GLU A 422 -17.25 10.49 30.60
N ASP A 423 -16.56 11.30 29.83
CA ASP A 423 -15.33 10.90 29.17
C ASP A 423 -14.22 11.90 29.50
N ALA A 424 -14.17 12.29 30.77
CA ALA A 424 -13.32 13.39 31.22
C ALA A 424 -11.82 13.06 31.20
N ASP A 425 -11.49 11.79 31.39
CA ASP A 425 -10.09 11.39 31.56
C ASP A 425 -9.21 11.69 30.35
N VAL A 426 -9.81 11.73 29.17
CA VAL A 426 -9.07 11.96 27.93
C VAL A 426 -8.93 13.45 27.63
N MET A 427 -9.87 14.24 28.15
CA MET A 427 -9.98 15.67 27.84
C MET A 427 -8.65 16.42 27.87
N TYR A 428 -7.90 16.29 28.96
CA TYR A 428 -6.63 17.00 29.10
C TYR A 428 -5.61 16.58 28.03
N ASP A 429 -5.64 15.30 27.65
CA ASP A 429 -4.72 14.78 26.64
C ASP A 429 -5.08 15.25 25.24
N LEU A 430 -6.35 15.08 24.90
CA LEU A 430 -6.86 15.37 23.56
C LEU A 430 -6.54 16.79 23.11
N LYS A 431 -6.75 17.75 24.01
CA LYS A 431 -6.45 19.16 23.75
C LYS A 431 -5.07 19.34 23.13
N GLN A 432 -4.06 18.88 23.85
CA GLN A 432 -2.67 19.05 23.44
C GLN A 432 -2.37 18.32 22.13
N ILE A 433 -3.04 17.19 21.91
CA ILE A 433 -2.88 16.46 20.66
C ILE A 433 -3.50 17.24 19.50
N ILE A 434 -4.61 17.93 19.78
CA ILE A 434 -5.20 18.83 18.80
C ILE A 434 -4.24 19.99 18.53
N SER A 435 -3.48 20.36 19.54
CA SER A 435 -2.44 21.37 19.38
C SER A 435 -1.25 20.79 18.61
N LYS A 436 -0.99 19.50 18.80
CA LYS A 436 0.07 18.82 18.08
C LYS A 436 -0.23 18.81 16.58
N SER A 437 -1.51 18.72 16.26
CA SER A 437 -1.98 19.00 14.91
C SER A 437 -2.73 20.31 14.93
N SER A 438 -2.04 21.38 15.36
CA SER A 438 -2.62 22.71 15.39
C SER A 438 -3.04 23.11 13.98
N ILE A 439 -2.36 22.54 13.00
CA ILE A 439 -2.74 22.66 11.61
C ILE A 439 -4.15 22.12 11.41
N SER A 440 -4.94 22.84 10.62
CA SER A 440 -6.25 22.41 10.14
C SER A 440 -7.38 22.46 11.17
N LYS A 441 -7.09 22.78 12.42
CA LYS A 441 -8.16 22.87 13.42
C LYS A 441 -7.83 23.71 14.65
N VAL A 442 -8.83 24.44 15.13
CA VAL A 442 -8.77 25.15 16.40
C VAL A 442 -9.68 24.46 17.43
N PRO A 443 -9.13 24.13 18.60
CA PRO A 443 -9.92 23.46 19.66
C PRO A 443 -11.06 24.34 20.17
N GLU A 444 -10.85 25.64 20.12
CA GLU A 444 -11.86 26.68 20.33
C GLU A 444 -12.58 26.67 21.70
N GLU A 445 -12.96 25.51 22.23
CA GLU A 445 -13.74 25.49 23.46
C GLU A 445 -13.30 24.44 24.47
N LEU A 446 -11.99 24.27 24.61
CA LEU A 446 -11.45 23.35 25.61
C LEU A 446 -10.92 24.12 26.80
N ARG A 447 -11.82 24.81 27.50
CA ARG A 447 -11.45 25.66 28.62
C ARG A 447 -11.50 24.91 29.95
N ARG A 448 -11.81 23.63 29.90
CA ARG A 448 -11.94 22.83 31.12
C ARG A 448 -11.44 21.40 30.95
N HIS A 449 -11.18 20.75 32.08
CA HIS A 449 -10.85 19.34 32.12
C HIS A 449 -11.36 18.74 33.43
#